data_5T3N
#
_entry.id   5T3N
#
_cell.length_a   64.190
_cell.length_b   64.190
_cell.length_c   195.710
_cell.angle_alpha   90.00
_cell.angle_beta   90.00
_cell.angle_gamma   90.00
#
_symmetry.space_group_name_H-M   'P 43 21 2'
#
loop_
_entity.id
_entity.type
_entity.pdbx_description
1 polymer 'cAMP-dependent protein kinase regulatory subunit'
2 non-polymer 'IODIDE ION'
3 non-polymer (2S,4aR,6R,7R,7aS)-6-(6-amino-2-chloro-9H-purin-9-yl)-7-hydroxy-2-sulfanyltetrahydro-2H,4H-2lambda~5~-furo[3,2-d][1,3,2]dioxaphosphinin-2-one
4 water water
#
_entity_poly.entity_id   1
_entity_poly.type   'polypeptide(L)'
_entity_poly.pdbx_seq_one_letter_code
;MAHHHHHHEVLFQGPGAKKRKMYEDILSHVNILKDMDPYERCKVADCLKSKSYNDGEIIIKEGEEGDTFFILIDGNAVAS
KDNKVIKTYTKGDYFGELALLKNKPRAATIKAQNFCQVVYLDRKSFKRLLGPIEDILHRNVENYKKVLNELGLDTTCIDE
N
;
_entity_poly.pdbx_strand_id   A,B
#
loop_
_chem_comp.id
_chem_comp.type
_chem_comp.name
_chem_comp.formula
75G non-polymer (2S,4aR,6R,7R,7aS)-6-(6-amino-2-chloro-9H-purin-9-yl)-7-hydroxy-2-sulfanyltetrahydro-2H,4H-2lambda~5~-furo[3,2-d][1,3,2]dioxaphosphinin-2-one 'C10 H11 Cl N5 O5 P S'
IOD non-polymer 'IODIDE ION' 'I -1'
#
# COMPACT_ATOMS: atom_id res chain seq x y z
N HIS A 7 35.60 2.33 3.05
CA HIS A 7 35.16 2.74 4.37
C HIS A 7 34.60 4.15 4.35
N HIS A 8 33.75 4.47 5.32
CA HIS A 8 33.04 5.72 5.34
C HIS A 8 33.44 6.77 6.31
N GLU A 9 34.49 6.57 7.07
CA GLU A 9 34.88 7.55 8.08
C GLU A 9 34.95 8.93 7.46
N VAL A 10 35.33 8.98 6.19
CA VAL A 10 35.55 10.26 5.49
C VAL A 10 34.27 11.04 5.27
N LEU A 11 33.15 10.34 5.20
CA LEU A 11 31.88 10.99 4.92
C LEU A 11 31.24 11.56 6.18
N PHE A 12 31.83 11.29 7.34
CA PHE A 12 31.21 11.75 8.59
C PHE A 12 32.19 12.37 9.58
N GLN A 13 32.93 13.40 9.17
CA GLN A 13 34.01 13.94 9.99
C GLN A 13 33.87 15.45 10.25
N GLY A 14 33.45 16.15 9.22
CA GLY A 14 33.31 17.60 9.22
C GLY A 14 32.15 18.14 10.02
N PRO A 15 31.88 19.44 9.85
CA PRO A 15 30.81 20.11 10.60
C PRO A 15 29.50 19.43 10.21
N GLY A 16 29.38 19.07 8.93
CA GLY A 16 28.12 18.65 8.37
C GLY A 16 27.70 17.30 8.92
N ALA A 17 28.60 16.66 9.66
CA ALA A 17 28.46 15.26 10.05
C ALA A 17 27.20 14.87 10.82
N LYS A 18 26.69 15.74 11.70
CA LYS A 18 25.46 15.46 12.47
C LYS A 18 24.25 15.23 11.57
N LYS A 19 24.01 16.18 10.69
CA LYS A 19 22.90 16.09 9.79
C LYS A 19 23.13 14.96 8.85
N ARG A 20 24.38 14.74 8.50
CA ARG A 20 24.66 13.71 7.53
C ARG A 20 24.23 12.42 8.14
N LYS A 21 24.59 12.22 9.40
CA LYS A 21 24.24 10.99 10.10
C LYS A 21 22.80 10.71 10.53
N MET A 22 22.02 11.68 10.96
CA MET A 22 20.59 11.36 11.18
C MET A 22 19.89 10.92 9.92
N TYR A 23 20.08 11.67 8.85
CA TYR A 23 19.61 11.36 7.50
C TYR A 23 20.07 10.02 6.87
N GLU A 24 21.34 9.62 7.02
CA GLU A 24 21.80 8.35 6.41
C GLU A 24 21.15 7.02 6.77
N ASP A 25 20.81 6.73 8.03
CA ASP A 25 20.03 5.50 8.31
C ASP A 25 18.74 5.60 7.49
N ILE A 26 18.08 6.76 7.57
CA ILE A 26 16.85 6.98 6.81
C ILE A 26 17.04 6.75 5.31
N LEU A 27 18.04 7.38 4.69
CA LEU A 27 18.17 7.25 3.23
C LEU A 27 18.47 5.78 2.91
N SER A 28 19.03 5.07 3.89
CA SER A 28 19.37 3.68 3.72
C SER A 28 18.14 2.79 3.62
N HIS A 29 16.94 3.34 3.90
CA HIS A 29 15.70 2.54 3.82
C HIS A 29 14.73 3.08 2.78
N VAL A 30 15.14 4.07 2.01
CA VAL A 30 14.28 4.60 0.96
C VAL A 30 14.79 3.67 -0.09
N ASN A 31 13.96 2.80 -0.62
CA ASN A 31 14.54 1.80 -1.47
C ASN A 31 15.32 2.31 -2.68
N ILE A 32 14.78 3.18 -3.51
CA ILE A 32 15.62 3.50 -4.65
C ILE A 32 16.89 4.31 -4.33
N LEU A 33 16.99 4.99 -3.17
CA LEU A 33 18.26 5.66 -2.99
C LEU A 33 19.16 4.91 -2.02
N LYS A 34 18.71 3.77 -1.52
CA LYS A 34 19.46 3.05 -0.52
C LYS A 34 20.65 2.46 -1.30
N ASP A 35 20.37 2.36 -2.60
CA ASP A 35 21.20 1.84 -3.70
C ASP A 35 22.21 2.76 -4.40
N MET A 36 22.13 4.04 -4.07
CA MET A 36 23.06 5.07 -4.51
C MET A 36 24.33 4.72 -3.76
N ASP A 37 25.52 5.12 -4.20
CA ASP A 37 26.60 4.76 -3.28
C ASP A 37 26.73 5.82 -2.22
N PRO A 38 27.59 5.64 -1.27
CA PRO A 38 27.60 6.51 -0.11
C PRO A 38 27.88 7.97 -0.39
N TYR A 39 28.83 8.29 -1.25
CA TYR A 39 29.16 9.68 -1.46
C TYR A 39 27.98 10.40 -2.01
N GLU A 40 27.35 9.78 -2.99
CA GLU A 40 26.20 10.36 -3.63
C GLU A 40 25.08 10.52 -2.64
N ARG A 41 24.90 9.52 -1.78
CA ARG A 41 23.85 9.59 -0.77
C ARG A 41 24.14 10.61 0.35
N CYS A 42 25.39 10.77 0.74
CA CYS A 42 25.71 11.79 1.70
C CYS A 42 25.43 13.19 1.19
N LYS A 43 25.66 13.42 -0.08
CA LYS A 43 25.34 14.72 -0.67
C LYS A 43 23.84 14.99 -0.56
N VAL A 44 23.00 13.96 -0.80
CA VAL A 44 21.57 14.15 -0.62
C VAL A 44 21.28 14.49 0.81
N ALA A 45 21.86 13.78 1.74
CA ALA A 45 21.58 14.07 3.12
C ALA A 45 21.89 15.52 3.46
N ASP A 46 22.94 16.05 2.88
CA ASP A 46 23.34 17.39 3.19
C ASP A 46 22.28 18.39 2.83
N CYS A 47 21.60 18.19 1.72
CA CYS A 47 20.68 19.16 1.20
C CYS A 47 19.22 18.98 1.56
N LEU A 48 18.89 17.97 2.35
CA LEU A 48 17.49 17.70 2.67
C LEU A 48 17.02 18.83 3.57
N LYS A 49 15.73 19.13 3.50
CA LYS A 49 15.09 20.02 4.45
C LYS A 49 13.89 19.25 5.00
N SER A 50 13.37 19.71 6.13
CA SER A 50 12.28 19.08 6.86
C SER A 50 11.13 20.04 6.87
N LYS A 51 9.95 19.42 6.85
CA LYS A 51 8.68 20.03 7.08
C LYS A 51 7.64 19.00 7.54
N SER A 52 6.52 19.50 8.06
CA SER A 52 5.48 18.65 8.62
C SER A 52 4.12 18.94 7.97
N TYR A 53 3.22 17.96 8.00
CA TYR A 53 1.86 18.17 7.50
C TYR A 53 0.90 17.67 8.56
N ASN A 54 -0.20 18.38 8.74
CA ASN A 54 -1.24 17.93 9.65
C ASN A 54 -2.19 16.95 8.96
N ASP A 55 -2.86 16.14 9.79
CA ASP A 55 -3.88 15.23 9.34
C ASP A 55 -4.81 15.93 8.36
N GLY A 56 -5.00 15.35 7.17
CA GLY A 56 -5.91 15.97 6.24
C GLY A 56 -5.30 16.99 5.29
N GLU A 57 -4.07 17.44 5.53
CA GLU A 57 -3.50 18.43 4.62
C GLU A 57 -3.05 17.85 3.27
N ILE A 58 -3.23 18.66 2.23
CA ILE A 58 -2.77 18.29 0.91
C ILE A 58 -1.28 18.58 0.76
N ILE A 59 -0.55 17.54 0.41
CA ILE A 59 0.87 17.63 0.17
C ILE A 59 1.15 17.96 -1.27
N ILE A 60 0.43 17.30 -2.15
CA ILE A 60 0.55 17.55 -3.58
C ILE A 60 -0.85 17.64 -4.12
N LYS A 61 -1.11 18.67 -4.92
CA LYS A 61 -2.42 18.82 -5.53
C LYS A 61 -2.26 18.52 -6.99
N GLU A 62 -3.10 17.60 -7.46
CA GLU A 62 -3.11 17.14 -8.83
C GLU A 62 -3.32 18.32 -9.76
N GLY A 63 -2.57 18.36 -10.85
CA GLY A 63 -2.74 19.44 -11.82
C GLY A 63 -1.86 20.67 -11.60
N GLU A 64 -1.25 20.78 -10.43
CA GLU A 64 -0.34 21.90 -10.16
C GLU A 64 1.04 21.67 -10.68
N GLU A 65 1.79 22.75 -10.86
CA GLU A 65 3.19 22.62 -11.18
C GLU A 65 3.84 22.07 -9.93
N GLY A 66 4.88 21.28 -10.12
CA GLY A 66 5.52 20.69 -8.97
C GLY A 66 6.98 20.95 -9.09
N ASP A 67 7.60 21.30 -7.97
CA ASP A 67 9.01 21.56 -7.95
C ASP A 67 9.64 20.89 -6.77
N THR A 68 8.93 19.97 -6.13
CA THR A 68 9.46 19.46 -4.88
C THR A 68 9.40 17.93 -4.88
N PHE A 69 10.51 17.32 -4.51
CA PHE A 69 10.61 15.88 -4.31
C PHE A 69 10.53 15.59 -2.82
N PHE A 70 9.75 14.57 -2.41
CA PHE A 70 9.52 14.27 -1.00
C PHE A 70 9.93 12.87 -0.59
N ILE A 71 10.44 12.74 0.63
CA ILE A 71 10.51 11.48 1.32
C ILE A 71 9.76 11.54 2.64
N LEU A 72 8.89 10.57 2.85
CA LEU A 72 8.12 10.46 4.08
C LEU A 72 8.90 9.79 5.19
N ILE A 73 9.16 10.46 6.29
CA ILE A 73 9.96 9.77 7.29
C ILE A 73 9.15 9.33 8.49
N ASP A 74 7.95 9.87 8.60
CA ASP A 74 7.00 9.45 9.63
C ASP A 74 5.60 9.86 9.29
N GLY A 75 4.64 8.98 9.55
CA GLY A 75 3.25 9.27 9.29
C GLY A 75 2.69 8.41 8.18
N ASN A 76 1.47 8.76 7.74
CA ASN A 76 0.73 8.00 6.76
C ASN A 76 0.13 9.01 5.80
N ALA A 77 0.37 8.80 4.51
CA ALA A 77 -0.19 9.68 3.50
C ALA A 77 -0.79 8.81 2.37
N VAL A 78 -1.68 9.36 1.55
CA VAL A 78 -2.34 8.55 0.53
C VAL A 78 -2.43 9.27 -0.81
N ALA A 79 -2.11 8.58 -1.92
CA ALA A 79 -2.24 9.21 -3.24
C ALA A 79 -3.50 8.75 -3.95
N SER A 80 -4.19 9.70 -4.54
CA SER A 80 -5.37 9.38 -5.28
C SER A 80 -5.38 10.20 -6.57
N LYS A 81 -6.09 9.69 -7.58
CA LYS A 81 -6.27 10.36 -8.86
C LYS A 81 -7.71 10.10 -9.30
N ASP A 82 -8.38 11.17 -9.71
CA ASP A 82 -9.84 11.15 -9.97
C ASP A 82 -10.61 10.36 -8.92
N ASN A 83 -10.25 10.59 -7.67
CA ASN A 83 -10.88 9.98 -6.49
C ASN A 83 -10.71 8.46 -6.43
N LYS A 84 -9.66 7.92 -7.03
CA LYS A 84 -9.35 6.50 -6.83
C LYS A 84 -8.01 6.41 -6.12
N VAL A 85 -7.95 5.58 -5.08
CA VAL A 85 -6.72 5.43 -4.36
C VAL A 85 -5.75 4.65 -5.19
N ILE A 86 -4.57 5.21 -5.44
CA ILE A 86 -3.60 4.56 -6.29
C ILE A 86 -2.38 4.17 -5.49
N LYS A 87 -2.19 4.71 -4.29
CA LYS A 87 -1.05 4.28 -3.47
C LYS A 87 -1.17 4.79 -2.02
N THR A 88 -0.85 3.92 -1.08
CA THR A 88 -0.70 4.29 0.33
C THR A 88 0.78 4.47 0.68
N TYR A 89 1.08 5.48 1.48
CA TYR A 89 2.47 5.73 1.82
C TYR A 89 2.75 5.66 3.31
N THR A 90 3.90 5.13 3.65
CA THR A 90 4.30 5.12 5.06
C THR A 90 5.78 5.48 5.03
N LYS A 91 6.38 5.40 6.21
CA LYS A 91 7.78 5.70 6.47
C LYS A 91 8.69 5.01 5.44
N GLY A 92 9.60 5.77 4.84
CA GLY A 92 10.56 5.26 3.86
C GLY A 92 10.15 5.47 2.40
N ASP A 93 8.88 5.77 2.17
CA ASP A 93 8.43 6.01 0.81
C ASP A 93 8.84 7.39 0.27
N TYR A 94 8.94 7.50 -1.04
CA TYR A 94 9.24 8.76 -1.70
C TYR A 94 8.11 9.01 -2.70
N PHE A 95 7.90 10.28 -3.05
CA PHE A 95 6.91 10.60 -4.03
C PHE A 95 7.15 12.02 -4.51
N GLY A 96 6.49 12.38 -5.62
CA GLY A 96 6.61 13.71 -6.19
C GLY A 96 7.74 13.83 -7.17
N GLU A 97 8.34 12.70 -7.55
CA GLU A 97 9.44 12.72 -8.51
C GLU A 97 9.04 12.87 -9.99
N LEU A 98 7.83 12.43 -10.35
CA LEU A 98 7.50 12.33 -11.77
C LEU A 98 7.44 13.71 -12.44
N ALA A 99 6.86 14.69 -11.75
CA ALA A 99 6.76 16.06 -12.28
C ALA A 99 8.18 16.66 -12.49
N LEU A 100 9.12 16.28 -11.63
CA LEU A 100 10.49 16.78 -11.75
C LEU A 100 11.19 16.12 -12.94
N LEU A 101 10.91 14.83 -13.14
CA LEU A 101 11.54 14.10 -14.23
C LEU A 101 10.93 14.41 -15.59
N LYS A 102 9.63 14.70 -15.64
CA LYS A 102 8.96 14.89 -16.95
C LYS A 102 8.64 16.34 -17.28
N ASN A 103 8.76 17.21 -16.27
CA ASN A 103 8.42 18.62 -16.46
C ASN A 103 6.99 18.85 -16.90
N LYS A 104 6.09 18.17 -16.22
CA LYS A 104 4.68 18.22 -16.48
C LYS A 104 4.04 18.50 -15.11
N PRO A 105 2.76 18.91 -15.08
CA PRO A 105 2.09 19.12 -13.79
C PRO A 105 1.94 17.84 -12.97
N ARG A 106 1.74 17.99 -11.66
CA ARG A 106 1.43 16.88 -10.78
C ARG A 106 0.29 16.01 -11.34
N ALA A 107 0.52 14.71 -11.37
CA ALA A 107 -0.40 13.78 -12.02
C ALA A 107 -1.41 13.22 -11.01
N ALA A 108 -1.20 13.50 -9.72
CA ALA A 108 -2.05 12.91 -8.70
C ALA A 108 -2.01 13.77 -7.43
N THR A 109 -2.99 13.56 -6.57
CA THR A 109 -3.06 14.20 -5.27
C THR A 109 -2.65 13.31 -4.12
N ILE A 110 -1.80 13.86 -3.25
CA ILE A 110 -1.35 13.19 -2.05
C ILE A 110 -1.70 13.98 -0.77
N LYS A 111 -2.41 13.30 0.14
CA LYS A 111 -2.96 13.90 1.35
C LYS A 111 -2.39 13.17 2.55
N ALA A 112 -2.02 13.94 3.59
CA ALA A 112 -1.61 13.37 4.86
C ALA A 112 -2.79 12.71 5.58
N GLN A 113 -2.61 11.54 6.17
CA GLN A 113 -3.74 10.98 6.92
C GLN A 113 -3.54 11.01 8.46
N ASN A 114 -2.45 11.61 8.89
CA ASN A 114 -2.18 11.82 10.30
C ASN A 114 -1.00 12.77 10.29
N PHE A 115 -0.36 13.00 11.44
CA PHE A 115 0.79 13.89 11.45
C PHE A 115 1.97 13.27 10.78
N CYS A 116 2.36 13.89 9.67
CA CYS A 116 3.40 13.40 8.81
C CYS A 116 4.65 14.30 8.86
N GLN A 117 5.82 13.69 8.91
CA GLN A 117 7.04 14.47 8.78
C GLN A 117 7.77 14.05 7.50
N VAL A 118 8.18 15.00 6.70
CA VAL A 118 8.90 14.67 5.48
C VAL A 118 10.23 15.39 5.39
N VAL A 119 11.11 14.82 4.57
CA VAL A 119 12.25 15.57 4.07
C VAL A 119 12.10 15.69 2.58
N TYR A 120 12.68 16.74 2.01
CA TYR A 120 12.48 17.09 0.61
C TYR A 120 13.61 17.81 -0.09
N LEU A 121 13.58 17.76 -1.42
CA LEU A 121 14.54 18.50 -2.24
C LEU A 121 13.78 19.34 -3.25
N ASP A 122 14.27 20.56 -3.56
CA ASP A 122 13.68 21.32 -4.66
C ASP A 122 14.24 20.84 -5.99
N ARG A 123 13.71 21.38 -7.10
CA ARG A 123 14.04 20.90 -8.43
C ARG A 123 15.54 21.01 -8.70
N LYS A 124 16.14 22.17 -8.38
CA LYS A 124 17.56 22.32 -8.68
C LYS A 124 18.35 21.32 -7.88
N SER A 125 18.01 21.10 -6.61
CA SER A 125 18.74 20.12 -5.83
C SER A 125 18.48 18.66 -6.33
N PHE A 126 17.21 18.37 -6.64
CA PHE A 126 16.82 17.07 -7.19
C PHE A 126 17.63 16.85 -8.52
N LYS A 127 17.64 17.80 -9.47
CA LYS A 127 18.35 17.61 -10.76
C LYS A 127 19.79 17.46 -10.53
N ARG A 128 20.34 18.24 -9.62
CA ARG A 128 21.76 18.10 -9.36
C ARG A 128 22.13 16.80 -8.65
N LEU A 129 21.44 16.48 -7.57
CA LEU A 129 21.90 15.38 -6.79
C LEU A 129 21.35 14.04 -7.25
N LEU A 130 20.16 14.07 -7.83
CA LEU A 130 19.61 12.80 -8.24
C LEU A 130 19.66 12.49 -9.73
N GLY A 131 20.35 13.32 -10.50
CA GLY A 131 20.72 13.02 -11.87
C GLY A 131 21.24 11.62 -12.13
N PRO A 132 22.16 11.11 -11.29
CA PRO A 132 22.68 9.77 -11.56
C PRO A 132 21.62 8.69 -11.60
N ILE A 133 20.46 8.90 -11.01
CA ILE A 133 19.50 7.80 -10.99
C ILE A 133 18.16 8.12 -11.62
N GLU A 134 18.09 9.11 -12.50
CA GLU A 134 16.78 9.43 -13.03
C GLU A 134 16.21 8.26 -13.81
N ASP A 135 17.08 7.51 -14.48
CA ASP A 135 16.60 6.35 -15.19
C ASP A 135 15.99 5.22 -14.35
N ILE A 136 16.61 4.94 -13.20
CA ILE A 136 16.08 3.88 -12.34
C ILE A 136 14.75 4.34 -11.76
N LEU A 137 14.69 5.61 -11.34
CA LEU A 137 13.44 6.17 -10.85
C LEU A 137 12.37 6.11 -11.93
N HIS A 138 12.79 6.40 -13.15
CA HIS A 138 11.87 6.39 -14.27
C HIS A 138 11.32 4.98 -14.51
N ARG A 139 12.08 3.90 -14.46
CA ARG A 139 11.34 2.65 -14.62
C ARG A 139 10.78 2.03 -13.31
N ASN A 140 9.87 2.78 -12.71
CA ASN A 140 9.10 2.51 -11.49
C ASN A 140 7.76 2.99 -11.95
N VAL A 141 7.90 3.93 -12.86
CA VAL A 141 6.84 4.54 -13.61
C VAL A 141 6.12 3.42 -14.33
N GLU A 142 6.82 2.45 -14.93
CA GLU A 142 6.01 1.39 -15.53
C GLU A 142 5.11 0.81 -14.47
N ASN A 143 5.56 0.68 -13.22
CA ASN A 143 4.62 0.14 -12.28
C ASN A 143 3.46 1.11 -12.05
N TYR A 144 3.70 2.42 -12.23
CA TYR A 144 2.59 3.35 -12.12
C TYR A 144 1.54 3.07 -13.20
N LYS A 145 1.99 2.62 -14.39
CA LYS A 145 1.05 2.41 -15.49
C LYS A 145 0.07 1.33 -15.21
N LYS A 146 0.59 0.29 -14.61
CA LYS A 146 -0.21 -0.82 -14.25
C LYS A 146 -1.34 -0.37 -13.36
N VAL A 147 -1.05 0.41 -12.33
CA VAL A 147 -2.11 0.84 -11.47
C VAL A 147 -3.12 1.76 -12.19
N LEU A 148 -2.62 2.65 -13.04
CA LEU A 148 -3.49 3.56 -13.79
C LEU A 148 -4.41 2.69 -14.66
N ASN A 149 -3.82 1.70 -15.30
CA ASN A 149 -4.57 0.75 -16.08
C ASN A 149 -5.45 -0.17 -15.26
N GLU A 150 -5.00 -0.57 -14.08
CA GLU A 150 -5.72 -1.50 -13.23
C GLU A 150 -7.07 -0.84 -13.00
N LEU A 151 -7.09 0.48 -12.89
CA LEU A 151 -8.25 1.23 -12.42
C LEU A 151 -8.96 2.03 -13.47
N GLY A 152 -8.53 1.89 -14.70
CA GLY A 152 -9.16 2.57 -15.83
C GLY A 152 -9.00 4.10 -15.90
N LEU A 153 -7.90 4.62 -15.34
CA LEU A 153 -7.62 6.07 -15.28
C LEU A 153 -6.74 6.54 -16.43
N ASP A 154 -6.70 7.85 -16.66
CA ASP A 154 -5.88 8.38 -17.74
C ASP A 154 -4.39 8.12 -17.50
N THR A 155 -3.70 7.73 -18.56
CA THR A 155 -2.25 7.53 -18.53
C THR A 155 -1.43 8.50 -19.37
N THR A 156 -2.06 9.49 -20.00
CA THR A 156 -1.32 10.44 -20.82
C THR A 156 -0.37 11.31 -20.01
N CYS A 157 -0.60 11.38 -18.71
CA CYS A 157 0.30 12.12 -17.82
C CYS A 157 1.69 11.50 -17.69
N ILE A 158 1.79 10.21 -18.00
CA ILE A 158 3.05 9.48 -18.04
C ILE A 158 3.72 9.40 -19.40
N ASP A 159 2.93 8.95 -20.36
CA ASP A 159 3.30 8.95 -21.76
C ASP A 159 3.02 10.29 -22.44
N GLY B 14 -9.51 -36.95 -10.57
CA GLY B 14 -10.76 -37.53 -10.09
C GLY B 14 -11.91 -36.53 -10.01
N PRO B 15 -13.02 -36.92 -9.36
CA PRO B 15 -14.18 -36.01 -9.27
C PRO B 15 -13.92 -34.86 -8.29
N GLY B 16 -14.49 -33.69 -8.55
CA GLY B 16 -14.17 -32.51 -7.76
C GLY B 16 -12.87 -31.83 -8.16
N ALA B 17 -12.08 -32.54 -8.96
CA ALA B 17 -10.69 -32.19 -9.27
C ALA B 17 -10.67 -30.86 -9.98
N LYS B 18 -11.59 -30.74 -10.92
CA LYS B 18 -11.66 -29.58 -11.77
C LYS B 18 -11.86 -28.34 -10.92
N LYS B 19 -12.74 -28.37 -9.92
CA LYS B 19 -12.84 -27.15 -9.11
C LYS B 19 -11.55 -26.95 -8.29
N ARG B 20 -11.01 -27.99 -7.69
CA ARG B 20 -9.74 -27.82 -7.05
C ARG B 20 -8.92 -27.17 -8.10
N LYS B 21 -8.63 -27.98 -9.08
CA LYS B 21 -7.63 -27.65 -10.09
C LYS B 21 -7.61 -26.22 -10.61
N MET B 22 -8.79 -25.64 -10.79
CA MET B 22 -8.86 -24.30 -11.34
C MET B 22 -8.32 -23.28 -10.35
N TYR B 23 -8.70 -23.43 -9.11
CA TYR B 23 -8.32 -22.37 -8.20
C TYR B 23 -6.89 -22.33 -7.70
N GLU B 24 -6.29 -23.48 -7.39
CA GLU B 24 -5.13 -23.55 -6.50
C GLU B 24 -3.83 -22.82 -6.89
N ASP B 25 -3.42 -22.91 -8.15
CA ASP B 25 -2.31 -22.12 -8.68
C ASP B 25 -2.48 -20.63 -8.49
N ILE B 26 -3.49 -20.08 -9.16
CA ILE B 26 -3.81 -18.67 -9.01
C ILE B 26 -3.62 -18.31 -7.55
N LEU B 27 -4.35 -19.03 -6.70
CA LEU B 27 -4.14 -18.96 -5.26
C LEU B 27 -2.75 -19.17 -4.66
N SER B 28 -1.94 -20.00 -5.34
CA SER B 28 -0.62 -20.44 -4.85
C SER B 28 0.32 -19.25 -4.59
N HIS B 29 -0.29 -18.14 -4.94
CA HIS B 29 0.50 -16.96 -4.90
C HIS B 29 -0.17 -16.15 -3.82
N VAL B 30 -1.20 -16.72 -3.21
CA VAL B 30 -1.76 -16.03 -2.07
C VAL B 30 -0.89 -16.49 -0.90
N ASN B 31 -0.12 -15.57 -0.30
CA ASN B 31 0.91 -15.93 0.71
C ASN B 31 0.33 -16.83 1.80
N ILE B 32 -0.81 -16.40 2.32
CA ILE B 32 -1.44 -17.00 3.48
C ILE B 32 -1.87 -18.43 3.24
N LEU B 33 -1.88 -18.86 1.99
CA LEU B 33 -2.13 -20.26 1.69
C LEU B 33 -0.83 -20.98 1.41
N LYS B 34 0.24 -20.20 1.29
CA LYS B 34 1.55 -20.74 1.02
C LYS B 34 1.96 -21.62 2.19
N ASP B 35 1.43 -21.31 3.35
CA ASP B 35 1.88 -21.93 4.58
C ASP B 35 1.68 -23.43 4.62
N MET B 36 0.52 -23.90 4.21
CA MET B 36 0.30 -25.33 4.18
C MET B 36 0.44 -25.88 2.76
N ASP B 37 0.78 -27.17 2.73
CA ASP B 37 1.18 -27.99 1.58
C ASP B 37 0.03 -28.45 0.66
N PRO B 38 0.44 -29.08 -0.52
CA PRO B 38 -0.64 -29.19 -1.54
C PRO B 38 -1.97 -29.92 -1.25
N TYR B 39 -1.99 -30.91 -0.41
CA TYR B 39 -3.18 -31.75 -0.25
C TYR B 39 -4.10 -31.29 0.90
N GLU B 40 -3.77 -30.13 1.47
CA GLU B 40 -4.60 -29.29 2.31
C GLU B 40 -5.16 -28.04 1.64
N ARG B 41 -4.32 -27.43 0.83
CA ARG B 41 -4.61 -26.16 0.17
C ARG B 41 -5.81 -26.39 -0.83
N CYS B 42 -5.91 -27.59 -1.41
CA CYS B 42 -7.01 -27.97 -2.31
C CYS B 42 -8.38 -28.10 -1.63
N LYS B 43 -8.36 -28.43 -0.35
CA LYS B 43 -9.53 -28.60 0.52
C LYS B 43 -10.40 -27.35 0.64
N VAL B 44 -9.76 -26.20 0.74
CA VAL B 44 -10.41 -24.90 0.79
C VAL B 44 -11.17 -24.64 -0.51
N ALA B 45 -10.50 -24.94 -1.62
CA ALA B 45 -11.04 -24.71 -2.95
C ALA B 45 -12.39 -25.38 -3.13
N ASP B 46 -12.59 -26.57 -2.57
CA ASP B 46 -13.85 -27.30 -2.75
C ASP B 46 -15.03 -26.62 -2.00
N CYS B 47 -14.75 -25.63 -1.15
CA CYS B 47 -15.81 -24.94 -0.40
C CYS B 47 -16.04 -23.50 -0.87
N LEU B 48 -15.31 -23.11 -1.90
CA LEU B 48 -15.37 -21.74 -2.40
C LEU B 48 -16.54 -21.53 -3.33
N LYS B 49 -16.98 -20.27 -3.42
CA LYS B 49 -17.96 -19.84 -4.41
C LYS B 49 -17.45 -18.59 -5.11
N SER B 50 -18.04 -18.23 -6.25
CA SER B 50 -17.58 -17.04 -6.95
C SER B 50 -18.67 -16.02 -6.94
N LYS B 51 -18.20 -14.79 -7.00
CA LYS B 51 -18.95 -13.58 -7.10
C LYS B 51 -18.10 -12.53 -7.80
N SER B 52 -18.72 -11.60 -8.49
CA SER B 52 -18.01 -10.46 -9.06
C SER B 52 -18.57 -9.12 -8.55
N TYR B 53 -17.77 -8.05 -8.59
CA TYR B 53 -18.23 -6.73 -8.14
C TYR B 53 -17.82 -5.72 -9.20
N ASN B 54 -18.71 -4.77 -9.47
CA ASN B 54 -18.34 -3.69 -10.36
C ASN B 54 -17.60 -2.54 -9.69
N ASP B 55 -16.93 -1.75 -10.53
CA ASP B 55 -16.21 -0.55 -10.12
C ASP B 55 -17.09 0.29 -9.18
N GLY B 56 -16.60 0.62 -7.99
CA GLY B 56 -17.42 1.45 -7.14
C GLY B 56 -18.36 0.70 -6.20
N GLU B 57 -18.48 -0.58 -6.42
CA GLU B 57 -19.42 -1.32 -5.60
C GLU B 57 -18.90 -1.60 -4.21
N ILE B 58 -19.77 -1.56 -3.22
CA ILE B 58 -19.39 -1.83 -1.83
C ILE B 58 -19.43 -3.34 -1.59
N ILE B 59 -18.28 -3.90 -1.24
CA ILE B 59 -18.19 -5.31 -0.91
C ILE B 59 -18.62 -5.51 0.54
N ILE B 60 -18.07 -4.68 1.44
CA ILE B 60 -18.41 -4.76 2.86
C ILE B 60 -18.70 -3.36 3.39
N LYS B 61 -19.80 -3.18 4.11
CA LYS B 61 -20.06 -1.85 4.65
C LYS B 61 -19.86 -1.88 6.16
N GLU B 62 -19.05 -0.97 6.70
CA GLU B 62 -18.78 -0.93 8.14
C GLU B 62 -20.05 -0.75 8.93
N GLY B 63 -20.15 -1.49 10.03
CA GLY B 63 -21.31 -1.42 10.90
C GLY B 63 -22.40 -2.43 10.57
N GLU B 64 -22.33 -3.04 9.40
CA GLU B 64 -23.31 -4.05 9.06
C GLU B 64 -22.87 -5.40 9.65
N GLU B 65 -23.81 -6.29 9.86
CA GLU B 65 -23.46 -7.66 10.23
C GLU B 65 -22.78 -8.25 9.01
N GLY B 66 -21.90 -9.20 9.22
CA GLY B 66 -21.14 -9.81 8.15
C GLY B 66 -20.93 -11.24 8.52
N ASP B 67 -21.00 -12.10 7.51
CA ASP B 67 -20.78 -13.52 7.66
C ASP B 67 -20.04 -14.11 6.47
N THR B 68 -19.27 -13.28 5.79
CA THR B 68 -18.48 -13.76 4.68
C THR B 68 -16.99 -13.43 4.67
N PHE B 69 -16.18 -14.46 4.38
CA PHE B 69 -14.75 -14.33 4.23
C PHE B 69 -14.39 -14.25 2.74
N PHE B 70 -13.56 -13.29 2.34
CA PHE B 70 -13.27 -13.07 0.92
C PHE B 70 -11.80 -13.29 0.52
N ILE B 71 -11.58 -13.82 -0.68
CA ILE B 71 -10.27 -13.71 -1.32
C ILE B 71 -10.40 -12.98 -2.65
N LEU B 72 -9.61 -11.93 -2.84
CA LEU B 72 -9.62 -11.25 -4.13
C LEU B 72 -8.77 -12.00 -5.14
N ILE B 73 -9.34 -12.46 -6.25
CA ILE B 73 -8.50 -13.19 -7.19
C ILE B 73 -8.22 -12.35 -8.42
N ASP B 74 -8.99 -11.28 -8.56
CA ASP B 74 -8.70 -10.34 -9.63
C ASP B 74 -9.32 -8.99 -9.40
N GLY B 75 -8.56 -7.95 -9.72
CA GLY B 75 -9.08 -6.61 -9.55
C GLY B 75 -8.45 -5.87 -8.40
N ASN B 76 -9.02 -4.73 -8.06
CA ASN B 76 -8.44 -3.83 -7.05
C ASN B 76 -9.53 -3.32 -6.12
N ALA B 77 -9.26 -3.42 -4.81
CA ALA B 77 -10.19 -2.96 -3.78
C ALA B 77 -9.49 -2.15 -2.68
N VAL B 78 -10.30 -1.38 -1.97
CA VAL B 78 -9.76 -0.52 -0.94
C VAL B 78 -10.57 -0.51 0.35
N ALA B 79 -9.91 -0.59 1.50
CA ALA B 79 -10.62 -0.54 2.78
C ALA B 79 -10.50 0.84 3.42
N SER B 80 -11.62 1.34 3.95
CA SER B 80 -11.65 2.62 4.59
C SER B 80 -12.49 2.59 5.87
N LYS B 81 -12.15 3.46 6.84
CA LYS B 81 -12.91 3.59 8.09
C LYS B 81 -12.93 5.08 8.46
N ASP B 82 -14.11 5.64 8.74
CA ASP B 82 -14.30 7.08 9.05
C ASP B 82 -13.56 7.97 8.05
N ASN B 83 -13.71 7.60 6.79
CA ASN B 83 -13.10 8.25 5.63
C ASN B 83 -11.58 8.41 5.66
N LYS B 84 -10.88 7.43 6.23
CA LYS B 84 -9.45 7.29 6.04
C LYS B 84 -9.20 5.94 5.37
N VAL B 85 -8.31 5.92 4.39
CA VAL B 85 -7.92 4.70 3.72
C VAL B 85 -6.99 3.90 4.63
N ILE B 86 -7.34 2.64 4.90
CA ILE B 86 -6.53 1.85 5.82
C ILE B 86 -5.85 0.67 5.13
N LYS B 87 -6.27 0.32 3.92
CA LYS B 87 -5.58 -0.75 3.22
C LYS B 87 -6.03 -0.81 1.76
N THR B 88 -5.07 -1.00 0.84
CA THR B 88 -5.36 -1.35 -0.57
C THR B 88 -5.14 -2.84 -0.87
N TYR B 89 -6.01 -3.38 -1.71
CA TYR B 89 -6.01 -4.82 -2.04
C TYR B 89 -5.78 -5.12 -3.54
N THR B 90 -5.04 -6.19 -3.85
CA THR B 90 -4.86 -6.68 -5.23
C THR B 90 -4.97 -8.22 -5.22
N LYS B 91 -4.80 -8.89 -6.36
CA LYS B 91 -5.07 -10.32 -6.38
C LYS B 91 -4.22 -11.00 -5.32
N GLY B 92 -4.84 -11.94 -4.63
CA GLY B 92 -4.22 -12.70 -3.57
C GLY B 92 -4.48 -12.18 -2.17
N ASP B 93 -4.95 -10.94 -2.02
CA ASP B 93 -5.26 -10.44 -0.68
C ASP B 93 -6.55 -11.07 -0.17
N TYR B 94 -6.70 -11.16 1.15
CA TYR B 94 -7.94 -11.61 1.78
C TYR B 94 -8.47 -10.48 2.67
N PHE B 95 -9.77 -10.52 2.98
CA PHE B 95 -10.37 -9.57 3.92
C PHE B 95 -11.72 -10.11 4.37
N GLY B 96 -12.30 -9.48 5.39
CA GLY B 96 -13.59 -9.92 5.89
C GLY B 96 -13.50 -10.98 6.94
N GLU B 97 -12.28 -11.26 7.41
CA GLU B 97 -12.07 -12.27 8.44
C GLU B 97 -12.32 -11.87 9.88
N LEU B 98 -12.17 -10.58 10.16
CA LEU B 98 -12.20 -10.15 11.55
C LEU B 98 -13.56 -10.33 12.25
N ALA B 99 -14.63 -10.05 11.51
CA ALA B 99 -16.01 -10.17 12.03
C ALA B 99 -16.39 -11.60 12.36
N LEU B 100 -15.81 -12.54 11.64
CA LEU B 100 -16.04 -13.96 11.84
C LEU B 100 -15.29 -14.48 13.04
N LEU B 101 -14.09 -13.96 13.26
CA LEU B 101 -13.29 -14.39 14.39
C LEU B 101 -13.82 -13.82 15.69
N LYS B 102 -14.39 -12.63 15.65
CA LYS B 102 -14.76 -11.92 16.87
C LYS B 102 -16.26 -11.86 17.13
N ASN B 103 -17.08 -12.31 16.19
CA ASN B 103 -18.55 -12.19 16.30
C ASN B 103 -18.96 -10.77 16.65
N LYS B 104 -18.54 -9.85 15.79
CA LYS B 104 -18.80 -8.42 15.93
C LYS B 104 -19.19 -7.93 14.53
N PRO B 105 -19.76 -6.72 14.42
CA PRO B 105 -20.02 -6.09 13.12
C PRO B 105 -18.75 -5.78 12.30
N ARG B 106 -18.90 -5.60 10.99
CA ARG B 106 -17.79 -5.19 10.13
C ARG B 106 -17.11 -3.95 10.71
N ALA B 107 -15.78 -3.96 10.78
CA ALA B 107 -15.08 -2.85 11.44
C ALA B 107 -14.72 -1.73 10.47
N ALA B 108 -14.92 -1.96 9.19
CA ALA B 108 -14.48 -1.06 8.13
C ALA B 108 -15.30 -1.31 6.84
N THR B 109 -15.26 -0.35 5.94
CA THR B 109 -15.89 -0.50 4.62
C THR B 109 -14.90 -0.88 3.54
N ILE B 110 -15.24 -1.89 2.75
CA ILE B 110 -14.40 -2.27 1.63
C ILE B 110 -15.14 -2.13 0.30
N LYS B 111 -14.53 -1.35 -0.58
CA LYS B 111 -15.12 -0.95 -1.84
C LYS B 111 -14.26 -1.44 -3.02
N ALA B 112 -14.91 -1.97 -4.06
CA ALA B 112 -14.22 -2.30 -5.32
C ALA B 112 -13.75 -1.09 -6.12
N GLN B 113 -12.54 -1.10 -6.67
CA GLN B 113 -12.16 0.09 -7.45
C GLN B 113 -12.16 -0.13 -8.95
N ASN B 114 -12.55 -1.34 -9.34
CA ASN B 114 -12.70 -1.75 -10.72
C ASN B 114 -13.40 -3.10 -10.73
N PHE B 115 -13.58 -3.72 -11.89
CA PHE B 115 -14.30 -5.01 -11.93
C PHE B 115 -13.46 -6.01 -11.18
N CYS B 116 -14.07 -6.51 -10.11
CA CYS B 116 -13.41 -7.41 -9.19
C CYS B 116 -14.04 -8.79 -9.25
N GLN B 117 -13.20 -9.83 -9.14
CA GLN B 117 -13.73 -11.16 -9.02
C GLN B 117 -13.20 -11.68 -7.71
N VAL B 118 -14.09 -12.26 -6.93
CA VAL B 118 -13.72 -12.84 -5.64
C VAL B 118 -14.12 -14.27 -5.46
N VAL B 119 -13.47 -14.95 -4.52
CA VAL B 119 -14.05 -16.15 -3.95
C VAL B 119 -14.35 -15.94 -2.47
N TYR B 120 -15.32 -16.68 -1.96
CA TYR B 120 -15.77 -16.51 -0.58
C TYR B 120 -16.34 -17.72 0.17
N LEU B 121 -16.31 -17.66 1.51
CA LEU B 121 -16.72 -18.76 2.39
C LEU B 121 -17.72 -18.17 3.41
N ASP B 122 -18.83 -18.84 3.74
CA ASP B 122 -19.74 -18.29 4.76
C ASP B 122 -19.23 -18.59 6.19
N ARG B 123 -19.86 -18.05 7.24
CA ARG B 123 -19.33 -18.18 8.63
C ARG B 123 -19.04 -19.57 9.18
N LYS B 124 -19.98 -20.49 9.05
CA LYS B 124 -19.77 -21.84 9.56
C LYS B 124 -18.66 -22.52 8.76
N SER B 125 -18.65 -22.28 7.47
CA SER B 125 -17.67 -22.82 6.53
C SER B 125 -16.24 -22.28 6.76
N PHE B 126 -16.13 -20.99 7.12
CA PHE B 126 -14.86 -20.29 7.42
C PHE B 126 -13.97 -20.89 8.49
N LYS B 127 -14.55 -21.24 9.62
CA LYS B 127 -13.80 -21.83 10.75
C LYS B 127 -13.16 -23.18 10.45
N ARG B 128 -13.79 -24.01 9.64
CA ARG B 128 -13.29 -25.36 9.40
C ARG B 128 -11.96 -25.53 8.64
N LEU B 129 -11.58 -24.69 7.68
CA LEU B 129 -10.46 -25.07 6.81
C LEU B 129 -9.24 -24.21 7.07
N LEU B 130 -9.44 -23.06 7.67
CA LEU B 130 -8.30 -22.18 7.78
C LEU B 130 -7.92 -22.41 9.24
N GLY B 131 -8.50 -23.47 9.81
CA GLY B 131 -8.12 -24.00 11.10
C GLY B 131 -6.63 -24.19 11.42
N PRO B 132 -5.86 -24.82 10.51
CA PRO B 132 -4.45 -25.00 10.85
C PRO B 132 -3.68 -23.68 10.99
N ILE B 133 -4.29 -22.65 10.42
CA ILE B 133 -3.80 -21.28 10.41
C ILE B 133 -4.65 -20.27 11.23
N GLU B 134 -5.60 -20.74 12.04
CA GLU B 134 -6.55 -19.84 12.69
C GLU B 134 -5.88 -18.82 13.60
N ASP B 135 -4.88 -19.27 14.35
CA ASP B 135 -4.11 -18.42 15.23
C ASP B 135 -3.23 -17.43 14.48
N ILE B 136 -2.66 -17.94 13.38
CA ILE B 136 -1.74 -17.20 12.49
C ILE B 136 -2.40 -16.04 11.77
N LEU B 137 -3.59 -16.25 11.24
CA LEU B 137 -4.31 -15.17 10.56
C LEU B 137 -4.52 -14.05 11.59
N HIS B 138 -4.85 -14.51 12.79
CA HIS B 138 -5.14 -13.69 13.96
C HIS B 138 -3.95 -12.93 14.54
N ARG B 139 -2.76 -13.52 14.48
CA ARG B 139 -1.60 -12.77 14.93
C ARG B 139 -1.35 -11.51 14.15
N ASN B 140 -1.59 -11.37 12.86
CA ASN B 140 -1.29 -10.01 12.47
C ASN B 140 -2.59 -9.38 11.92
N VAL B 141 -3.57 -9.50 12.81
CA VAL B 141 -4.63 -8.56 13.20
C VAL B 141 -4.03 -7.30 13.87
N GLU B 142 -2.94 -7.50 14.60
CA GLU B 142 -2.18 -6.41 15.22
C GLU B 142 -1.76 -5.33 14.23
N ASN B 143 -1.41 -5.66 13.00
CA ASN B 143 -1.10 -4.54 12.10
C ASN B 143 -2.34 -3.69 11.89
N TYR B 144 -3.51 -4.29 11.83
CA TYR B 144 -4.70 -3.45 11.74
C TYR B 144 -4.81 -2.41 12.91
N LYS B 145 -4.56 -2.85 14.14
CA LYS B 145 -4.71 -1.95 15.28
C LYS B 145 -3.65 -0.83 15.16
N LYS B 146 -2.46 -1.25 14.71
CA LYS B 146 -1.34 -0.34 14.51
C LYS B 146 -1.66 0.72 13.47
N VAL B 147 -2.26 0.32 12.34
CA VAL B 147 -2.66 1.27 11.30
C VAL B 147 -3.72 2.19 11.88
N LEU B 148 -4.68 1.58 12.58
CA LEU B 148 -5.75 2.30 13.26
C LEU B 148 -5.19 3.27 14.30
N ASN B 149 -4.19 2.81 15.06
CA ASN B 149 -3.59 3.69 16.06
C ASN B 149 -2.89 4.85 15.39
N GLU B 150 -2.19 4.58 14.29
CA GLU B 150 -1.49 5.62 13.56
C GLU B 150 -2.43 6.70 13.02
N LEU B 151 -3.64 6.31 12.64
CA LEU B 151 -4.63 7.24 12.07
C LEU B 151 -5.61 7.87 13.08
N GLY B 152 -5.44 7.53 14.36
CA GLY B 152 -6.31 8.04 15.40
C GLY B 152 -7.72 7.45 15.28
N LEU B 153 -7.83 6.28 14.63
CA LEU B 153 -9.13 5.65 14.45
C LEU B 153 -9.50 4.73 15.60
N ASP B 154 -10.79 4.49 15.75
CA ASP B 154 -11.27 3.60 16.80
C ASP B 154 -10.81 2.17 16.75
N THR B 155 -10.34 1.72 17.91
CA THR B 155 -9.82 0.37 18.10
C THR B 155 -10.68 -0.59 18.92
N THR B 156 -11.90 -0.22 19.27
CA THR B 156 -12.71 -1.15 20.06
C THR B 156 -13.06 -2.48 19.40
N CYS B 157 -13.09 -2.52 18.08
CA CYS B 157 -13.39 -3.78 17.43
C CYS B 157 -12.43 -4.99 17.49
N ILE B 158 -11.16 -4.71 17.76
CA ILE B 158 -10.11 -5.76 17.93
C ILE B 158 -9.93 -6.40 19.34
N ASP B 159 -10.38 -5.75 20.40
CA ASP B 159 -10.22 -6.27 21.75
C ASP B 159 -11.44 -7.03 22.15
I IOD C . 26.26 19.59 -3.24
I IOD D . 12.99 5.45 7.37
C1 75G E . 1.33 8.38 -11.14
C2 75G E . 1.86 8.27 -8.84
C3 75G E . 1.20 7.03 -8.81
C4 75G E . 0.62 6.44 -9.97
S1 75G E . 3.12 13.22 -10.96
P1 75G E . 4.17 13.52 -9.20
O1 75G E . 5.21 14.51 -9.58
O2 75G E . 3.05 14.20 -8.03
C5 75G E . 2.03 13.02 -7.67
C6 75G E . 2.87 11.90 -7.28
O3 75G E . 2.02 10.75 -6.79
C7 75G E . 2.95 9.52 -7.12
C8 75G E . 4.06 10.01 -7.93
O4 75G E . 5.24 10.04 -7.08
C9 75G E . 3.67 11.35 -8.36
O5 75G E . 4.74 12.17 -8.66
N1 75G E . 2.25 8.46 -7.62
C10 75G E . 1.99 7.56 -6.79
N2 75G E . 1.32 6.58 -7.44
N3 75G E . -0.02 5.17 -9.89
N4 75G E . 0.71 7.14 -11.12
CL1 75G E . 1.42 9.25 -12.65
N5 75G E . 1.90 8.91 -10.00
I IOD F . 0.79 3.44 9.32
I IOD G . -13.42 -2.25 -15.13
I IOD H . -16.11 -30.23 -9.98
C1 75G I . -9.30 -3.16 10.45
C2 75G I . -8.96 -4.05 8.32
C3 75G I . -7.78 -3.28 8.25
C4 75G I . -7.36 -2.44 9.30
S1 75G I . -14.23 -6.51 10.65
P1 75G I . -14.03 -7.20 8.69
O1 75G I . -14.92 -8.38 8.72
O2 75G I . -14.69 -5.91 7.68
C5 75G I . -13.59 -4.97 7.04
C6 75G I . -12.39 -5.74 6.79
O3 75G I . -11.29 -4.76 6.40
C7 75G I . -9.98 -5.56 6.77
C8 75G I . -10.42 -6.65 7.68
O4 75G I . -10.23 -7.92 7.03
C9 75G I . -11.85 -6.43 7.95
O5 75G I . -12.57 -7.57 8.26
N1 75G I . -9.01 -4.68 7.21
C10 75G I . -8.08 -4.47 6.40
N2 75G I . -7.21 -3.58 6.96
N3 75G I . -6.16 -1.66 9.20
N4 75G I . -8.16 -2.41 10.39
CL1 75G I . -10.26 -3.04 11.90
N5 75G I . -9.69 -3.97 9.43
#